data_5UJF
#
_entry.id   5UJF
#
_cell.length_a   59.490
_cell.length_b   59.490
_cell.length_c   102.670
_cell.angle_alpha   90.000
_cell.angle_beta   90.000
_cell.angle_gamma   120.000
#
_symmetry.space_group_name_H-M   'P 32 2 1'
#
loop_
_entity.id
_entity.type
_entity.pdbx_description
1 polymer 'Dihydrofolate reductase'
2 non-polymer 'SULFATE ION'
3 non-polymer 1,2-ETHANEDIOL
4 non-polymer '3-(2-{3-[(2,4-diamino-6-ethylpyrimidin-5-yl)oxy]propoxy}phenyl)propanoic acid'
5 water water
#
_entity_poly.entity_id   1
_entity_poly.type   'polypeptide(L)'
_entity_poly.pdbx_seq_one_letter_code
;MGSSHHHHHHSSGLVPRGSHMMVGLIWAQATSGVIGRGGDIPWRLPEDQAHFREITMGHTIVMGRRTWDSLPAKVRPLPG
RRNVVLSRQADFMASGAEVVGSLEEALTSPETWVIGGGQVYALALPYATRCEVTEVDIGLPREAGDALAPVLDETWRGET
GEWRFSRSGLRYRLYSYHRS
;
_entity_poly.pdbx_strand_id   A
#
# COMPACT_ATOMS: atom_id res chain seq x y z
N HIS A 20 -1.09 -14.75 -16.51
CA HIS A 20 -2.02 -14.02 -15.65
C HIS A 20 -1.26 -13.16 -14.63
N MET A 21 -1.41 -11.84 -14.73
CA MET A 21 -0.71 -10.93 -13.85
C MET A 21 -1.68 -10.19 -12.92
N MET A 22 -1.93 -10.78 -11.75
CA MET A 22 -2.85 -10.22 -10.79
C MET A 22 -2.20 -9.09 -10.01
N VAL A 23 -2.87 -7.95 -9.98
CA VAL A 23 -2.40 -6.80 -9.23
C VAL A 23 -3.29 -6.57 -8.02
N GLY A 24 -2.67 -6.30 -6.87
CA GLY A 24 -3.39 -5.97 -5.66
C GLY A 24 -2.90 -4.65 -5.08
N LEU A 25 -3.80 -3.91 -4.44
CA LEU A 25 -3.45 -2.68 -3.71
C LEU A 25 -3.60 -2.89 -2.20
N ILE A 26 -2.67 -2.40 -1.41
CA ILE A 26 -2.83 -2.49 0.03
C ILE A 26 -2.41 -1.19 0.71
N TRP A 27 -3.28 -0.68 1.58
CA TRP A 27 -2.99 0.57 2.28
C TRP A 27 -3.66 0.64 3.66
N ALA A 28 -3.25 1.63 4.45
CA ALA A 28 -3.91 1.93 5.71
C ALA A 28 -4.32 3.39 5.70
N GLN A 29 -5.54 3.63 6.16
CA GLN A 29 -6.09 4.96 6.17
C GLN A 29 -6.78 5.29 7.50
N ALA A 30 -6.86 6.58 7.81
CA ALA A 30 -7.72 7.07 8.86
C ALA A 30 -9.14 7.09 8.35
N THR A 31 -10.10 7.32 9.24
CA THR A 31 -11.50 7.32 8.86
C THR A 31 -11.80 8.46 7.89
N SER A 32 -10.94 9.47 7.89
CA SER A 32 -11.08 10.60 6.98
C SER A 32 -10.71 10.24 5.55
N GLY A 33 -10.06 9.08 5.37
CA GLY A 33 -9.55 8.70 4.06
C GLY A 33 -8.07 8.96 3.84
N VAL A 34 -7.45 9.74 4.74
CA VAL A 34 -6.01 10.03 4.66
C VAL A 34 -5.17 8.77 4.87
N ILE A 35 -4.27 8.51 3.93
CA ILE A 35 -3.49 7.27 3.93
C ILE A 35 -2.09 7.41 4.46
N GLY A 36 -1.56 6.34 5.05
CA GLY A 36 -0.16 6.29 5.41
C GLY A 36 0.61 6.10 4.10
N ARG A 37 1.77 6.75 3.99
CA ARG A 37 2.62 6.63 2.83
C ARG A 37 4.05 6.36 3.26
N GLY A 38 4.56 5.18 2.94
CA GLY A 38 5.91 4.82 3.34
C GLY A 38 6.03 4.91 4.85
N GLY A 39 7.06 5.59 5.33
CA GLY A 39 7.30 5.72 6.76
C GLY A 39 6.46 6.83 7.37
N ASP A 40 5.70 7.53 6.53
CA ASP A 40 4.87 8.61 7.03
C ASP A 40 3.52 8.03 7.43
N ILE A 41 3.48 7.56 8.67
CA ILE A 41 2.33 6.91 9.27
C ILE A 41 2.14 7.53 10.65
N PRO A 42 1.04 8.27 10.84
CA PRO A 42 0.85 9.01 12.10
C PRO A 42 0.22 8.18 13.23
N TRP A 43 -0.43 7.07 12.89
CA TRP A 43 -1.05 6.24 13.91
C TRP A 43 -0.12 5.10 14.28
N ARG A 44 -0.25 4.65 15.52
CA ARG A 44 0.47 3.48 16.02
C ARG A 44 -0.48 2.29 16.02
N LEU A 45 -0.25 1.35 15.14
CA LEU A 45 -1.14 0.23 14.94
C LEU A 45 -0.33 -1.00 14.59
N PRO A 46 0.32 -1.61 15.59
CA PRO A 46 1.29 -2.70 15.38
C PRO A 46 0.74 -3.84 14.56
N GLU A 47 -0.51 -4.19 14.79
CA GLU A 47 -1.14 -5.31 14.09
C GLU A 47 -1.21 -5.08 12.58
N ASP A 48 -1.18 -3.82 12.16
CA ASP A 48 -1.22 -3.53 10.72
C ASP A 48 0.03 -4.00 10.00
N GLN A 49 1.17 -3.86 10.64
CA GLN A 49 2.41 -4.37 10.04
C GLN A 49 2.36 -5.88 9.88
N ALA A 50 1.82 -6.59 10.87
CA ALA A 50 1.70 -8.04 10.74
C ALA A 50 0.71 -8.41 9.63
N HIS A 51 -0.35 -7.62 9.52
CA HIS A 51 -1.31 -7.82 8.46
C HIS A 51 -0.68 -7.52 7.10
N PHE A 52 0.08 -6.43 7.03
CA PHE A 52 0.74 -6.05 5.78
C PHE A 52 1.73 -7.13 5.31
N ARG A 53 2.49 -7.66 6.25
CA ARG A 53 3.48 -8.68 5.96
C ARG A 53 2.82 -10.00 5.56
N GLU A 54 1.70 -10.34 6.18
CA GLU A 54 1.03 -11.62 5.88
C GLU A 54 0.51 -11.59 4.44
N ILE A 55 0.07 -10.44 3.99
CA ILE A 55 -0.49 -10.31 2.64
C ILE A 55 0.60 -10.32 1.59
N THR A 56 1.70 -9.60 1.85
CA THR A 56 2.70 -9.37 0.81
C THR A 56 3.88 -10.33 0.81
N MET A 57 4.04 -11.12 1.88
CA MET A 57 5.21 -12.02 1.93
C MET A 57 5.15 -13.06 0.83
N GLY A 58 6.30 -13.31 0.21
CA GLY A 58 6.38 -14.27 -0.88
C GLY A 58 5.77 -13.71 -2.16
N HIS A 59 5.70 -12.39 -2.26
CA HIS A 59 5.22 -11.74 -3.46
C HIS A 59 6.08 -10.53 -3.85
N THR A 60 5.86 -10.03 -5.06
CA THR A 60 6.50 -8.83 -5.53
C THR A 60 5.72 -7.61 -5.04
N ILE A 61 6.44 -6.59 -4.58
CA ILE A 61 5.78 -5.39 -4.12
C ILE A 61 6.30 -4.20 -4.92
N VAL A 62 5.40 -3.29 -5.28
CA VAL A 62 5.74 -2.13 -6.11
C VAL A 62 5.45 -0.84 -5.35
N MET A 63 6.41 0.08 -5.36
CA MET A 63 6.22 1.33 -4.66
C MET A 63 6.84 2.47 -5.47
N GLY A 64 6.38 3.69 -5.21
CA GLY A 64 6.95 4.85 -5.87
C GLY A 64 8.28 5.24 -5.24
N ARG A 65 8.95 6.23 -5.84
CA ARG A 65 10.22 6.71 -5.34
C ARG A 65 10.09 7.42 -3.98
N ARG A 66 9.11 8.32 -3.88
CA ARG A 66 8.89 9.06 -2.66
C ARG A 66 8.60 8.12 -1.49
N THR A 67 7.88 7.04 -1.78
CA THR A 67 7.58 6.04 -0.77
C THR A 67 8.83 5.29 -0.35
N TRP A 68 9.61 4.82 -1.33
CA TRP A 68 10.90 4.20 -1.07
C TRP A 68 11.81 5.11 -0.23
N ASP A 69 11.87 6.41 -0.58
CA ASP A 69 12.69 7.37 0.17
C ASP A 69 12.21 7.56 1.61
N SER A 70 10.91 7.45 1.84
CA SER A 70 10.36 7.70 3.18
C SER A 70 10.40 6.45 4.05
N LEU A 71 10.83 5.33 3.48
CA LEU A 71 11.00 4.10 4.26
C LEU A 71 12.13 4.26 5.25
N PRO A 72 11.93 3.77 6.47
CA PRO A 72 13.01 3.70 7.45
C PRO A 72 14.15 2.84 6.91
N ALA A 73 15.38 3.29 7.09
CA ALA A 73 16.56 2.60 6.55
C ALA A 73 16.63 1.13 6.95
N LYS A 74 16.12 0.81 8.13
CA LYS A 74 16.11 -0.57 8.61
C LYS A 74 15.22 -1.45 7.72
N VAL A 75 14.13 -0.90 7.21
CA VAL A 75 13.26 -1.67 6.32
C VAL A 75 13.34 -1.16 4.88
N ARG A 76 14.57 -0.98 4.42
CA ARG A 76 14.81 -0.55 3.07
C ARG A 76 15.99 -1.33 2.49
N PRO A 77 15.70 -2.34 1.65
CA PRO A 77 14.37 -2.73 1.18
C PRO A 77 13.56 -3.53 2.20
N LEU A 78 12.30 -3.80 1.86
CA LEU A 78 11.45 -4.60 2.72
C LEU A 78 11.84 -6.07 2.63
N PRO A 79 12.08 -6.72 3.79
CA PRO A 79 12.59 -8.09 3.81
C PRO A 79 11.63 -9.13 3.25
N GLY A 80 12.17 -10.13 2.57
CA GLY A 80 11.41 -11.31 2.15
C GLY A 80 10.52 -11.09 0.95
N ARG A 81 10.70 -9.98 0.25
CA ARG A 81 9.86 -9.66 -0.90
C ARG A 81 10.68 -9.00 -2.00
N ARG A 82 10.31 -9.28 -3.25
CA ARG A 82 10.94 -8.66 -4.40
C ARG A 82 10.48 -7.21 -4.50
N ASN A 83 11.40 -6.30 -4.19
CA ASN A 83 11.10 -4.87 -4.19
C ASN A 83 11.25 -4.24 -5.58
N VAL A 84 10.22 -3.55 -6.04
CA VAL A 84 10.31 -2.84 -7.30
C VAL A 84 9.92 -1.37 -7.08
N VAL A 85 10.71 -0.47 -7.66
CA VAL A 85 10.42 0.95 -7.52
C VAL A 85 10.05 1.57 -8.87
N LEU A 86 8.93 2.28 -8.87
CA LEU A 86 8.46 2.99 -10.05
C LEU A 86 8.98 4.42 -10.02
N SER A 87 9.89 4.73 -10.93
CA SER A 87 10.44 6.07 -11.06
C SER A 87 10.70 6.41 -12.53
N ARG A 88 10.30 7.61 -12.94
CA ARG A 88 10.55 8.09 -14.29
C ARG A 88 11.89 8.80 -14.36
N GLN A 89 12.43 9.18 -13.21
CA GLN A 89 13.77 9.74 -13.14
C GLN A 89 14.77 8.65 -13.49
N ALA A 90 15.47 8.84 -14.61
CA ALA A 90 16.32 7.80 -15.18
C ALA A 90 17.61 7.54 -14.40
N ASP A 91 18.04 8.52 -13.60
CA ASP A 91 19.30 8.40 -12.88
C ASP A 91 19.10 7.78 -11.51
N PHE A 92 17.85 7.58 -11.11
CA PHE A 92 17.55 7.09 -9.77
C PHE A 92 17.90 5.61 -9.60
N MET A 93 18.69 5.33 -8.58
CA MET A 93 19.06 3.97 -8.23
C MET A 93 18.69 3.69 -6.77
N ALA A 94 18.66 2.42 -6.40
CA ALA A 94 18.24 2.03 -5.05
C ALA A 94 18.71 0.62 -4.72
N SER A 95 19.59 0.50 -3.72
CA SER A 95 20.20 -0.78 -3.39
C SER A 95 19.18 -1.76 -2.80
N GLY A 96 19.15 -2.98 -3.32
CA GLY A 96 18.23 -4.00 -2.86
C GLY A 96 16.85 -3.90 -3.50
N ALA A 97 16.77 -3.19 -4.62
CA ALA A 97 15.51 -3.07 -5.33
C ALA A 97 15.73 -2.87 -6.82
N GLU A 98 14.78 -3.34 -7.61
CA GLU A 98 14.82 -3.17 -9.04
C GLU A 98 14.01 -1.93 -9.43
N VAL A 99 14.63 -1.03 -10.20
CA VAL A 99 13.97 0.19 -10.65
C VAL A 99 13.40 0.00 -12.05
N VAL A 100 12.15 0.39 -12.26
CA VAL A 100 11.56 0.37 -13.59
C VAL A 100 10.84 1.68 -13.87
N GLY A 101 10.68 2.00 -15.15
CA GLY A 101 10.11 3.28 -15.55
C GLY A 101 8.65 3.23 -15.94
N SER A 102 8.10 2.03 -16.03
CA SER A 102 6.69 1.86 -16.38
C SER A 102 6.06 0.84 -15.45
N LEU A 103 4.81 1.11 -15.07
CA LEU A 103 4.08 0.21 -14.21
C LEU A 103 3.92 -1.16 -14.86
N GLU A 104 3.69 -1.17 -16.18
CA GLU A 104 3.52 -2.42 -16.89
C GLU A 104 4.77 -3.31 -16.73
N GLU A 105 5.95 -2.71 -16.76
CA GLU A 105 7.19 -3.48 -16.60
C GLU A 105 7.35 -4.06 -15.18
N ALA A 106 6.63 -3.51 -14.21
CA ALA A 106 6.76 -3.97 -12.83
C ALA A 106 5.86 -5.16 -12.56
N LEU A 107 4.91 -5.38 -13.45
CA LEU A 107 3.87 -6.40 -13.22
C LEU A 107 4.22 -7.70 -13.92
N THR A 108 5.45 -8.15 -13.73
CA THR A 108 5.96 -9.37 -14.33
C THR A 108 5.52 -10.60 -13.53
N SER A 109 5.58 -10.46 -12.21
CA SER A 109 5.23 -11.54 -11.29
C SER A 109 3.76 -11.98 -11.46
N PRO A 110 3.42 -13.17 -10.98
CA PRO A 110 2.01 -13.61 -11.00
C PRO A 110 1.13 -12.82 -10.02
N GLU A 111 1.66 -12.47 -8.84
CA GLU A 111 0.91 -11.64 -7.90
C GLU A 111 1.73 -10.44 -7.44
N THR A 112 1.25 -9.25 -7.78
CA THR A 112 1.95 -8.02 -7.44
C THR A 112 1.13 -7.13 -6.51
N TRP A 113 1.73 -6.67 -5.41
CA TRP A 113 1.07 -5.76 -4.48
C TRP A 113 1.68 -4.37 -4.57
N VAL A 114 0.83 -3.38 -4.83
CA VAL A 114 1.23 -2.00 -4.88
C VAL A 114 1.07 -1.40 -3.48
N ILE A 115 2.12 -0.82 -2.93
CA ILE A 115 2.12 -0.45 -1.52
C ILE A 115 2.31 1.03 -1.26
N GLY A 116 2.15 1.87 -2.28
CA GLY A 116 2.24 3.30 -2.09
C GLY A 116 3.16 4.00 -3.08
N GLY A 117 2.96 5.29 -3.27
CA GLY A 117 1.93 6.02 -2.54
C GLY A 117 0.73 6.35 -3.41
N GLY A 118 0.17 7.54 -3.21
CA GLY A 118 -1.03 7.97 -3.90
C GLY A 118 -0.96 7.95 -5.41
N GLN A 119 0.14 8.45 -5.96
CA GLN A 119 0.33 8.49 -7.41
C GLN A 119 0.40 7.09 -8.01
N VAL A 120 1.09 6.19 -7.34
CA VAL A 120 1.19 4.82 -7.82
C VAL A 120 -0.16 4.10 -7.71
N TYR A 121 -0.88 4.31 -6.61
CA TYR A 121 -2.21 3.70 -6.43
C TYR A 121 -3.11 4.01 -7.62
N ALA A 122 -3.15 5.28 -8.02
CA ALA A 122 -4.00 5.73 -9.11
C ALA A 122 -3.57 5.13 -10.44
N LEU A 123 -2.26 5.02 -10.65
CA LEU A 123 -1.74 4.36 -11.85
C LEU A 123 -2.15 2.89 -11.88
N ALA A 124 -2.01 2.22 -10.73
CA ALA A 124 -2.24 0.77 -10.68
C ALA A 124 -3.72 0.38 -10.53
N LEU A 125 -4.56 1.29 -10.05
CA LEU A 125 -5.96 0.95 -9.73
C LEU A 125 -6.73 0.31 -10.91
N PRO A 126 -6.58 0.83 -12.15
CA PRO A 126 -7.32 0.18 -13.25
C PRO A 126 -6.94 -1.29 -13.49
N TYR A 127 -5.74 -1.69 -13.07
CA TYR A 127 -5.29 -3.07 -13.25
C TYR A 127 -5.61 -3.97 -12.07
N ALA A 128 -5.92 -3.37 -10.92
CA ALA A 128 -6.07 -4.15 -9.68
C ALA A 128 -7.38 -4.93 -9.59
N THR A 129 -7.28 -6.14 -9.05
CA THR A 129 -8.43 -6.99 -8.81
C THR A 129 -8.61 -7.27 -7.32
N ARG A 130 -7.73 -6.70 -6.50
CA ARG A 130 -7.79 -6.83 -5.04
C ARG A 130 -7.36 -5.54 -4.37
N CYS A 131 -8.05 -5.19 -3.29
CA CYS A 131 -7.61 -4.15 -2.37
C CYS A 131 -7.69 -4.67 -0.94
N GLU A 132 -6.60 -4.49 -0.18
CA GLU A 132 -6.57 -4.83 1.24
C GLU A 132 -6.40 -3.54 2.02
N VAL A 133 -7.45 -3.17 2.74
CA VAL A 133 -7.49 -1.89 3.44
C VAL A 133 -7.51 -2.06 4.96
N THR A 134 -6.65 -1.32 5.63
CA THR A 134 -6.78 -1.15 7.07
C THR A 134 -7.32 0.24 7.38
N GLU A 135 -8.50 0.30 7.96
CA GLU A 135 -9.04 1.58 8.41
C GLU A 135 -8.83 1.80 9.90
N VAL A 136 -8.21 2.91 10.25
CA VAL A 136 -7.90 3.23 11.63
C VAL A 136 -8.85 4.28 12.16
N ASP A 137 -9.42 4.00 13.32
CA ASP A 137 -10.37 4.90 13.97
C ASP A 137 -9.62 5.98 14.71
N ILE A 138 -9.21 7.00 13.96
CA ILE A 138 -8.46 8.10 14.51
C ILE A 138 -8.78 9.36 13.72
N GLY A 139 -8.86 10.49 14.43
CA GLY A 139 -9.25 11.76 13.83
C GLY A 139 -8.09 12.39 13.09
N LEU A 140 -8.20 12.44 11.77
CA LEU A 140 -7.11 12.94 10.96
C LEU A 140 -7.63 13.70 9.74
N PRO A 141 -8.12 14.93 9.95
CA PRO A 141 -8.64 15.79 8.89
C PRO A 141 -7.71 15.88 7.68
N ARG A 142 -8.28 15.94 6.48
CA ARG A 142 -7.48 16.13 5.28
C ARG A 142 -6.78 17.48 5.34
N GLU A 143 -5.48 17.47 5.13
CA GLU A 143 -4.70 18.71 5.07
C GLU A 143 -3.92 18.76 3.77
N ALA A 144 -3.47 19.95 3.39
CA ALA A 144 -2.76 20.17 2.14
C ALA A 144 -1.49 19.33 2.07
N GLY A 145 -1.41 18.50 1.03
CA GLY A 145 -0.28 17.61 0.88
C GLY A 145 -0.60 16.17 1.25
N ASP A 146 -1.67 15.97 2.03
CA ASP A 146 -2.10 14.62 2.39
C ASP A 146 -2.62 13.89 1.18
N ALA A 147 -2.30 12.61 1.06
CA ALA A 147 -2.93 11.78 0.04
C ALA A 147 -4.16 11.07 0.61
N LEU A 148 -5.17 10.91 -0.22
CA LEU A 148 -6.38 10.22 0.11
C LEU A 148 -6.39 8.84 -0.54
N ALA A 149 -7.13 7.92 0.06
CA ALA A 149 -7.27 6.57 -0.45
C ALA A 149 -7.92 6.60 -1.81
N PRO A 150 -7.49 5.71 -2.70
CA PRO A 150 -8.18 5.52 -3.98
C PRO A 150 -9.67 5.30 -3.74
N VAL A 151 -10.49 5.86 -4.61
CA VAL A 151 -11.93 5.71 -4.51
C VAL A 151 -12.37 4.37 -5.09
N LEU A 152 -13.17 3.63 -4.35
CA LEU A 152 -13.63 2.34 -4.84
C LEU A 152 -15.08 2.44 -5.32
N ASP A 153 -15.31 2.09 -6.58
CA ASP A 153 -16.65 2.16 -7.14
C ASP A 153 -17.40 0.86 -6.89
N GLU A 154 -18.56 0.73 -7.54
CA GLU A 154 -19.44 -0.41 -7.31
C GLU A 154 -18.93 -1.74 -7.89
N THR A 155 -17.79 -1.73 -8.59
CA THR A 155 -17.24 -2.99 -9.09
C THR A 155 -16.59 -3.80 -7.97
N TRP A 156 -16.20 -3.14 -6.88
CA TRP A 156 -15.53 -3.85 -5.81
C TRP A 156 -16.50 -4.60 -4.89
N ARG A 157 -16.31 -5.91 -4.82
CA ARG A 157 -17.04 -6.76 -3.90
C ARG A 157 -16.23 -6.83 -2.61
N GLY A 158 -16.86 -6.48 -1.49
CA GLY A 158 -16.13 -6.30 -0.25
C GLY A 158 -16.74 -6.92 0.99
N GLU A 159 -15.91 -7.61 1.76
CA GLU A 159 -16.29 -8.12 3.06
C GLU A 159 -15.77 -7.15 4.11
N THR A 160 -16.66 -6.56 4.90
CA THR A 160 -16.29 -5.57 5.90
C THR A 160 -16.07 -6.20 7.27
N GLY A 161 -14.89 -5.96 7.85
CA GLY A 161 -14.55 -6.55 9.13
C GLY A 161 -15.15 -5.81 10.31
N GLU A 162 -15.16 -6.47 11.46
CA GLU A 162 -15.63 -5.83 12.68
C GLU A 162 -14.52 -5.00 13.32
N TRP A 163 -14.92 -3.91 13.96
CA TRP A 163 -13.96 -3.10 14.71
C TRP A 163 -13.23 -3.97 15.73
N ARG A 164 -11.91 -3.86 15.74
CA ARG A 164 -11.06 -4.56 16.70
C ARG A 164 -10.26 -3.52 17.45
N PHE A 165 -9.93 -3.79 18.71
CA PHE A 165 -9.06 -2.93 19.49
C PHE A 165 -7.63 -3.38 19.33
N SER A 166 -6.77 -2.48 18.89
CA SER A 166 -5.34 -2.72 18.84
C SER A 166 -4.73 -2.67 20.23
N ARG A 167 -3.57 -3.30 20.41
CA ARG A 167 -2.84 -3.15 21.68
C ARG A 167 -2.29 -1.73 21.86
N SER A 168 -2.52 -0.87 20.88
CA SER A 168 -2.15 0.52 21.01
C SER A 168 -3.30 1.33 21.62
N GLY A 169 -4.48 0.71 21.66
CA GLY A 169 -5.68 1.36 22.16
C GLY A 169 -6.62 1.87 21.08
N LEU A 170 -6.11 1.96 19.85
CA LEU A 170 -6.93 2.40 18.71
C LEU A 170 -7.81 1.28 18.21
N ARG A 171 -9.00 1.64 17.75
CA ARG A 171 -9.82 0.68 17.03
C ARG A 171 -9.43 0.70 15.55
N TYR A 172 -9.47 -0.48 14.93
CA TYR A 172 -9.23 -0.59 13.50
C TYR A 172 -10.05 -1.74 12.93
N ARG A 173 -10.27 -1.73 11.62
CA ARG A 173 -10.90 -2.87 10.97
C ARG A 173 -10.32 -3.15 9.57
N LEU A 174 -10.48 -4.38 9.12
CA LEU A 174 -9.92 -4.83 7.85
C LEU A 174 -10.98 -4.92 6.77
N TYR A 175 -10.68 -4.37 5.59
CA TYR A 175 -11.49 -4.56 4.40
C TYR A 175 -10.73 -5.36 3.38
N SER A 176 -11.39 -6.39 2.87
CA SER A 176 -10.83 -7.19 1.81
C SER A 176 -11.73 -7.07 0.57
N TYR A 177 -11.34 -6.20 -0.37
CA TYR A 177 -12.14 -6.04 -1.60
C TYR A 177 -11.60 -6.85 -2.77
N HIS A 178 -12.49 -7.27 -3.67
CA HIS A 178 -12.07 -7.96 -4.87
C HIS A 178 -13.03 -7.71 -6.04
N ARG A 179 -12.53 -7.93 -7.25
CA ARG A 179 -13.35 -7.87 -8.44
C ARG A 179 -12.70 -8.71 -9.53
N SER A 180 -13.48 -9.13 -10.51
CA SER A 180 -12.95 -9.87 -11.65
C SER A 180 -13.53 -9.31 -12.95
#